data_4OU4
#
_entry.id   4OU4
#
_cell.length_a   94.624
_cell.length_b   94.624
_cell.length_c   88.533
_cell.angle_alpha   90.00
_cell.angle_beta   90.00
_cell.angle_gamma   90.00
#
_symmetry.space_group_name_H-M   'P 43 21 2'
#
loop_
_entity.id
_entity.type
_entity.pdbx_description
1 polymer 'Alpha/beta hydrolase fold-3 domain protein'
2 non-polymer '(2S)-(acetyloxy)(2-chlorophenyl)ethanoic acid'
3 water water
#
_entity_poly.entity_id   1
_entity_poly.type   'polypeptide(L)'
_entity_poly.pdbx_seq_one_letter_code
;MASMTGGQQMGRGSGSPGVEQHTQAFLEALEQGGGKPLEQLSPKDARAVLTGAQASVKVDLSGIEVKERTIQANGQSIKL
QVVRPANVKGELPVFMFFHGGGWVLGDFPTHQRLIRDLVVGSGAVAVYVDYTPSPESHYPTAINQAYAATQWVAEHGKEI
GVDGKRLAVAGNAVGGNMAAVVALKAKEAGTPALRFQLLLWPVTDASFETASYKQFADGHFLTTGMMKWFWDNYTTDAKA
REQIYASPLRASSEQLKGLPPALVQTAEFDVLRDEGEAYARKLNAAGVTVTSVRYNGMIHDYGLLNPLSQVPAVKAAMRQ
AGTELKVHLQLEHHHHHH
;
_entity_poly.pdbx_strand_id   A
#
loop_
_chem_comp.id
_chem_comp.type
_chem_comp.name
_chem_comp.formula
S2T non-polymer '(2S)-(acetyloxy)(2-chlorophenyl)ethanoic acid' 'C10 H9 Cl O4'
#
# COMPACT_ATOMS: atom_id res chain seq x y z
N SER A 14 -8.95 -14.27 18.92
CA SER A 14 -9.23 -12.84 18.98
C SER A 14 -8.23 -12.06 19.82
N GLY A 15 -7.10 -11.69 19.22
CA GLY A 15 -6.20 -10.72 19.84
C GLY A 15 -5.25 -11.20 20.93
N SER A 16 -4.29 -10.34 21.25
CA SER A 16 -3.21 -10.64 22.19
C SER A 16 -3.19 -9.60 23.34
N PRO A 17 -2.26 -9.72 24.31
CA PRO A 17 -2.26 -8.58 25.22
C PRO A 17 -1.41 -7.46 24.61
N GLY A 18 -1.92 -6.24 24.68
CA GLY A 18 -1.24 -5.12 24.09
C GLY A 18 -1.96 -4.57 22.87
N VAL A 19 -2.95 -5.32 22.38
CA VAL A 19 -3.73 -4.84 21.24
C VAL A 19 -4.54 -3.61 21.71
N GLU A 20 -4.55 -2.55 20.91
CA GLU A 20 -5.30 -1.36 21.25
C GLU A 20 -6.77 -1.71 21.48
N GLN A 21 -7.39 -1.09 22.48
CA GLN A 21 -8.73 -1.50 22.94
C GLN A 21 -9.81 -1.58 21.85
N HIS A 22 -9.88 -0.57 20.98
CA HIS A 22 -10.91 -0.58 19.95
C HIS A 22 -10.62 -1.64 18.92
N THR A 23 -9.34 -1.79 18.58
CA THR A 23 -8.90 -2.85 17.67
C THR A 23 -9.26 -4.21 18.25
N GLN A 24 -9.01 -4.38 19.55
CA GLN A 24 -9.30 -5.65 20.21
C GLN A 24 -10.82 -5.94 20.24
N ALA A 25 -11.64 -4.90 20.44
CA ALA A 25 -13.07 -5.07 20.30
C ALA A 25 -13.43 -5.48 18.86
N PHE A 26 -12.78 -4.87 17.88
CA PHE A 26 -13.03 -5.22 16.49
C PHE A 26 -12.70 -6.70 16.22
N LEU A 27 -11.59 -7.18 16.77
CA LEU A 27 -11.17 -8.57 16.57
C LEU A 27 -12.12 -9.57 17.22
N GLU A 28 -12.65 -9.20 18.37
CA GLU A 28 -13.59 -10.08 19.09
C GLU A 28 -14.89 -10.22 18.33
N ALA A 29 -15.32 -9.12 17.71
CA ALA A 29 -16.55 -9.11 16.90
C ALA A 29 -16.42 -9.99 15.66
N LEU A 30 -15.23 -10.00 15.05
CA LEU A 30 -14.96 -10.84 13.90
C LEU A 30 -15.09 -12.32 14.24
N GLU A 31 -14.51 -12.72 15.36
CA GLU A 31 -14.58 -14.11 15.76
C GLU A 31 -16.01 -14.49 16.14
N GLN A 32 -16.73 -13.56 16.78
CA GLN A 32 -18.14 -13.80 17.08
C GLN A 32 -18.95 -13.77 15.80
N GLY A 33 -19.74 -14.82 15.60
CA GLY A 33 -20.37 -15.05 14.31
C GLY A 33 -19.24 -15.12 13.29
N GLY A 34 -18.54 -16.24 13.29
CA GLY A 34 -17.34 -16.39 12.48
C GLY A 34 -17.55 -16.24 10.99
N GLY A 35 -17.58 -17.38 10.30
CA GLY A 35 -17.55 -17.38 8.85
C GLY A 35 -16.35 -18.21 8.43
N LYS A 36 -16.32 -18.61 7.15
CA LYS A 36 -15.19 -19.40 6.68
C LYS A 36 -13.96 -18.51 6.63
N PRO A 37 -12.76 -19.12 6.69
CA PRO A 37 -11.55 -18.37 6.35
C PRO A 37 -11.72 -17.72 4.98
N LEU A 38 -11.13 -16.55 4.79
CA LEU A 38 -11.26 -15.82 3.54
C LEU A 38 -10.77 -16.66 2.36
N GLU A 39 -9.71 -17.44 2.59
CA GLU A 39 -9.04 -18.17 1.51
C GLU A 39 -9.82 -19.43 1.07
N GLN A 40 -10.97 -19.68 1.68
CA GLN A 40 -11.82 -20.76 1.21
C GLN A 40 -12.86 -20.20 0.24
N LEU A 41 -12.88 -18.87 0.10
CA LEU A 41 -13.85 -18.24 -0.76
C LEU A 41 -13.37 -18.15 -2.21
N SER A 42 -14.30 -17.94 -3.12
CA SER A 42 -13.96 -17.55 -4.49
C SER A 42 -13.43 -16.12 -4.45
N PRO A 43 -12.53 -15.77 -5.40
CA PRO A 43 -12.08 -14.38 -5.48
C PRO A 43 -13.22 -13.38 -5.45
N LYS A 44 -14.27 -13.65 -6.24
CA LYS A 44 -15.43 -12.76 -6.31
C LYS A 44 -16.03 -12.56 -4.94
N ASP A 45 -16.21 -13.66 -4.21
CA ASP A 45 -16.83 -13.62 -2.88
C ASP A 45 -15.89 -12.99 -1.86
N ALA A 46 -14.61 -13.34 -1.94
CA ALA A 46 -13.60 -12.72 -1.11
C ALA A 46 -13.63 -11.20 -1.26
N ARG A 47 -13.70 -10.74 -2.51
CA ARG A 47 -13.74 -9.30 -2.78
C ARG A 47 -14.93 -8.66 -2.09
N ALA A 48 -16.07 -9.35 -2.11
CA ALA A 48 -17.32 -8.85 -1.50
C ALA A 48 -17.20 -8.63 0.01
N VAL A 49 -16.34 -9.41 0.66
CA VAL A 49 -16.12 -9.29 2.09
C VAL A 49 -15.47 -7.95 2.47
N LEU A 50 -14.39 -7.61 1.77
CA LEU A 50 -13.72 -6.34 2.01
C LEU A 50 -14.66 -5.18 1.65
N THR A 51 -15.40 -5.32 0.55
CA THR A 51 -16.33 -4.27 0.12
C THR A 51 -17.41 -4.04 1.17
N GLY A 52 -17.97 -5.14 1.68
CA GLY A 52 -18.99 -5.04 2.70
C GLY A 52 -18.49 -4.37 3.96
N ALA A 53 -17.32 -4.81 4.42
CA ALA A 53 -16.78 -4.29 5.67
C ALA A 53 -16.49 -2.79 5.59
N GLN A 54 -15.98 -2.34 4.44
CA GLN A 54 -15.65 -0.91 4.29
C GLN A 54 -16.91 -0.05 4.21
N ALA A 55 -17.99 -0.63 3.75
CA ALA A 55 -19.26 0.07 3.61
C ALA A 55 -20.05 0.11 4.91
N SER A 56 -19.59 -0.64 5.89
CA SER A 56 -20.41 -0.89 7.09
C SER A 56 -20.38 0.25 8.08
N VAL A 57 -19.61 1.29 7.78
CA VAL A 57 -19.43 2.36 8.74
C VAL A 57 -19.27 3.73 8.08
N LYS A 58 -19.92 4.72 8.67
CA LYS A 58 -19.78 6.12 8.33
C LYS A 58 -18.33 6.63 8.48
N VAL A 59 -17.81 7.25 7.43
CA VAL A 59 -16.45 7.80 7.47
C VAL A 59 -16.40 9.11 6.69
N ASP A 60 -15.42 9.94 7.04
CA ASP A 60 -15.28 11.28 6.49
C ASP A 60 -14.48 11.25 5.17
N LEU A 61 -15.13 11.68 4.09
CA LEU A 61 -14.52 11.65 2.76
C LEU A 61 -14.46 13.04 2.19
N SER A 62 -14.67 14.03 3.07
CA SER A 62 -14.74 15.43 2.64
C SER A 62 -13.40 15.93 2.13
N GLY A 63 -13.37 17.11 1.50
CA GLY A 63 -12.11 17.79 1.18
C GLY A 63 -11.35 17.33 -0.06
N ILE A 64 -11.91 16.39 -0.81
CA ILE A 64 -11.25 15.89 -2.01
C ILE A 64 -12.14 16.00 -3.21
N GLU A 65 -11.53 16.03 -4.38
CA GLU A 65 -12.29 15.84 -5.60
C GLU A 65 -11.63 14.75 -6.43
N VAL A 66 -12.47 13.88 -6.96
CA VAL A 66 -12.03 12.67 -7.65
C VAL A 66 -12.47 12.69 -9.11
N LYS A 67 -11.56 12.38 -10.03
CA LYS A 67 -11.92 12.28 -11.44
C LYS A 67 -11.16 11.12 -12.09
N GLU A 68 -11.85 10.39 -12.96
CA GLU A 68 -11.30 9.21 -13.62
C GLU A 68 -10.56 9.63 -14.88
N ARG A 69 -9.46 8.92 -15.18
CA ARG A 69 -8.68 9.15 -16.38
CA ARG A 69 -8.64 9.17 -16.36
C ARG A 69 -8.03 7.86 -16.85
N THR A 70 -8.29 7.54 -18.11
CA THR A 70 -7.75 6.34 -18.73
C THR A 70 -6.53 6.70 -19.51
N ILE A 71 -5.48 5.92 -19.34
CA ILE A 71 -4.29 6.25 -20.12
C ILE A 71 -3.85 5.09 -20.99
N GLN A 72 -2.85 5.34 -21.83
CA GLN A 72 -2.32 4.40 -22.80
C GLN A 72 -0.80 4.31 -22.54
N ALA A 73 -0.45 3.18 -21.93
CA ALA A 73 0.87 2.89 -21.38
C ALA A 73 0.91 1.40 -21.14
N ASN A 74 2.10 0.82 -21.12
CA ASN A 74 2.28 -0.64 -21.03
C ASN A 74 1.63 -1.35 -22.23
N GLY A 75 1.51 -0.65 -23.36
CA GLY A 75 0.80 -1.18 -24.51
C GLY A 75 -0.63 -1.55 -24.15
N GLN A 76 -1.29 -0.68 -23.39
CA GLN A 76 -2.51 -1.04 -22.70
C GLN A 76 -3.35 0.18 -22.32
N SER A 77 -4.63 -0.04 -22.04
CA SER A 77 -5.46 0.98 -21.39
C SER A 77 -5.44 0.78 -19.88
N ILE A 78 -5.09 1.81 -19.12
CA ILE A 78 -5.03 1.72 -17.66
C ILE A 78 -5.94 2.78 -17.06
N LYS A 79 -6.79 2.38 -16.13
CA LYS A 79 -7.69 3.34 -15.48
C LYS A 79 -7.01 3.98 -14.27
N LEU A 80 -7.09 5.30 -14.18
CA LEU A 80 -6.64 6.05 -13.00
C LEU A 80 -7.82 6.76 -12.30
N GLN A 81 -7.73 6.85 -10.99
CA GLN A 81 -8.58 7.75 -10.22
C GLN A 81 -7.65 8.82 -9.65
N VAL A 82 -7.84 10.03 -10.11
CA VAL A 82 -7.03 11.14 -9.65
C VAL A 82 -7.77 11.81 -8.52
N VAL A 83 -7.15 11.87 -7.35
CA VAL A 83 -7.80 12.40 -6.16
C VAL A 83 -7.10 13.66 -5.67
N ARG A 84 -7.82 14.77 -5.73
CA ARG A 84 -7.24 16.10 -5.58
C ARG A 84 -7.86 16.90 -4.42
N PRO A 85 -7.01 17.58 -3.61
CA PRO A 85 -7.49 18.50 -2.57
C PRO A 85 -8.55 19.46 -3.13
N ALA A 86 -9.72 19.55 -2.50
CA ALA A 86 -10.80 20.36 -3.03
C ALA A 86 -10.46 21.86 -3.13
N ASN A 87 -10.84 22.48 -4.24
CA ASN A 87 -10.68 23.92 -4.43
C ASN A 87 -9.26 24.42 -4.25
N VAL A 88 -8.34 23.83 -5.01
CA VAL A 88 -6.97 24.28 -5.04
C VAL A 88 -6.57 24.42 -6.49
N LYS A 89 -6.21 25.63 -6.89
CA LYS A 89 -5.83 25.88 -8.27
C LYS A 89 -4.33 25.67 -8.40
N GLY A 90 -3.88 25.23 -9.58
CA GLY A 90 -2.45 25.11 -9.83
C GLY A 90 -1.94 23.69 -10.02
N GLU A 91 -0.68 23.58 -10.42
CA GLU A 91 -0.05 22.29 -10.62
C GLU A 91 0.49 21.75 -9.30
N LEU A 92 -0.24 20.80 -8.72
CA LEU A 92 0.09 20.28 -7.41
C LEU A 92 1.10 19.12 -7.51
N PRO A 93 1.88 18.90 -6.44
CA PRO A 93 2.73 17.70 -6.43
C PRO A 93 1.82 16.46 -6.35
N VAL A 94 2.38 15.28 -6.62
CA VAL A 94 1.54 14.10 -6.77
C VAL A 94 2.20 12.85 -6.17
N PHE A 95 1.39 11.94 -5.63
CA PHE A 95 1.90 10.62 -5.30
C PHE A 95 1.03 9.54 -5.92
N MET A 96 1.70 8.55 -6.53
CA MET A 96 1.02 7.36 -7.00
C MET A 96 0.49 6.61 -5.78
N PHE A 97 -0.72 6.04 -5.90
CA PHE A 97 -1.21 5.18 -4.85
C PHE A 97 -1.58 3.79 -5.31
N PHE A 98 -1.00 2.80 -4.64
CA PHE A 98 -1.22 1.41 -4.99
C PHE A 98 -1.93 0.71 -3.83
N HIS A 99 -3.11 0.17 -4.09
CA HIS A 99 -3.95 -0.41 -3.04
C HIS A 99 -3.50 -1.80 -2.67
N GLY A 100 -3.86 -2.22 -1.45
CA GLY A 100 -3.55 -3.56 -0.98
C GLY A 100 -4.73 -4.47 -1.11
N GLY A 101 -4.58 -5.72 -0.66
CA GLY A 101 -5.65 -6.70 -0.79
C GLY A 101 -5.17 -8.05 -1.32
N GLY A 102 -3.89 -8.34 -1.10
CA GLY A 102 -3.30 -9.61 -1.45
C GLY A 102 -3.29 -9.89 -2.95
N TRP A 103 -3.39 -8.83 -3.74
CA TRP A 103 -3.51 -8.87 -5.21
C TRP A 103 -4.85 -9.41 -5.69
N VAL A 104 -5.58 -10.10 -4.82
CA VAL A 104 -6.88 -10.64 -5.16
C VAL A 104 -7.96 -9.59 -4.90
N LEU A 105 -7.79 -8.89 -3.79
CA LEU A 105 -8.82 -8.00 -3.26
C LEU A 105 -8.46 -6.54 -3.45
N GLY A 106 -9.44 -5.68 -3.18
CA GLY A 106 -9.21 -4.26 -3.18
C GLY A 106 -9.56 -3.60 -4.50
N ASP A 107 -9.70 -2.28 -4.44
CA ASP A 107 -10.05 -1.43 -5.56
C ASP A 107 -10.04 0.00 -5.03
N PHE A 108 -10.52 0.96 -5.82
CA PHE A 108 -10.56 2.33 -5.35
C PHE A 108 -11.55 2.59 -4.18
N PRO A 109 -12.84 2.20 -4.31
CA PRO A 109 -13.77 2.53 -3.22
C PRO A 109 -13.39 1.96 -1.86
N THR A 110 -12.92 0.71 -1.80
CA THR A 110 -12.50 0.14 -0.53
C THR A 110 -11.35 0.96 0.10
N HIS A 111 -10.51 1.56 -0.74
CA HIS A 111 -9.31 2.25 -0.26
C HIS A 111 -9.49 3.74 -0.22
N GLN A 112 -10.66 4.22 -0.61
CA GLN A 112 -10.89 5.66 -0.82
C GLN A 112 -10.70 6.49 0.46
N ARG A 113 -11.09 5.95 1.61
CA ARG A 113 -10.95 6.73 2.84
C ARG A 113 -9.47 6.93 3.18
N LEU A 114 -8.71 5.83 3.15
CA LEU A 114 -7.28 5.86 3.34
C LEU A 114 -6.62 6.89 2.42
N ILE A 115 -6.99 6.87 1.15
CA ILE A 115 -6.45 7.80 0.16
C ILE A 115 -6.89 9.23 0.46
N ARG A 116 -8.18 9.43 0.78
CA ARG A 116 -8.69 10.74 1.20
C ARG A 116 -7.81 11.29 2.32
N ASP A 117 -7.51 10.48 3.33
CA ASP A 117 -6.72 10.96 4.47
C ASP A 117 -5.34 11.45 4.04
N LEU A 118 -4.66 10.70 3.18
CA LEU A 118 -3.33 11.08 2.72
C LEU A 118 -3.39 12.33 1.86
N VAL A 119 -4.40 12.41 1.00
CA VAL A 119 -4.54 13.57 0.14
C VAL A 119 -4.79 14.83 0.96
N VAL A 120 -5.79 14.80 1.86
CA VAL A 120 -6.12 16.00 2.63
C VAL A 120 -4.96 16.35 3.59
N GLY A 121 -4.25 15.33 4.07
CA GLY A 121 -3.13 15.54 4.98
C GLY A 121 -1.88 16.09 4.32
N SER A 122 -1.64 15.71 3.07
CA SER A 122 -0.43 16.12 2.36
C SER A 122 -0.63 17.40 1.55
N GLY A 123 -1.86 17.65 1.12
CA GLY A 123 -2.09 18.71 0.15
C GLY A 123 -1.61 18.29 -1.24
N ALA A 124 -1.23 17.03 -1.38
CA ALA A 124 -0.79 16.50 -2.67
C ALA A 124 -1.91 15.71 -3.35
N VAL A 125 -1.79 15.52 -4.65
CA VAL A 125 -2.75 14.74 -5.43
C VAL A 125 -2.37 13.26 -5.41
N ALA A 126 -3.36 12.40 -5.22
CA ALA A 126 -3.14 10.97 -5.35
C ALA A 126 -3.58 10.48 -6.74
N VAL A 127 -2.76 9.62 -7.33
CA VAL A 127 -3.17 8.93 -8.54
C VAL A 127 -3.26 7.45 -8.23
N TYR A 128 -4.50 7.00 -8.00
CA TYR A 128 -4.80 5.58 -7.79
C TYR A 128 -4.69 4.87 -9.13
N VAL A 129 -3.95 3.76 -9.15
CA VAL A 129 -3.80 2.97 -10.37
C VAL A 129 -4.62 1.69 -10.32
N ASP A 130 -5.58 1.55 -11.22
CA ASP A 130 -6.47 0.39 -11.21
C ASP A 130 -5.80 -0.81 -11.88
N TYR A 131 -4.85 -1.42 -11.19
CA TYR A 131 -4.11 -2.53 -11.78
C TYR A 131 -4.96 -3.81 -11.83
N THR A 132 -4.62 -4.73 -12.74
CA THR A 132 -5.40 -5.96 -12.91
C THR A 132 -5.22 -6.91 -11.72
N PRO A 133 -6.34 -7.43 -11.19
CA PRO A 133 -6.24 -8.29 -10.00
C PRO A 133 -5.64 -9.65 -10.33
N SER A 134 -5.34 -10.40 -9.28
CA SER A 134 -5.05 -11.82 -9.40
C SER A 134 -6.27 -12.57 -8.89
N PRO A 135 -6.52 -13.79 -9.42
CA PRO A 135 -5.71 -14.50 -10.40
C PRO A 135 -6.08 -14.22 -11.86
N GLU A 136 -6.89 -13.20 -12.12
CA GLU A 136 -7.17 -12.82 -13.51
C GLU A 136 -5.83 -12.64 -14.22
N SER A 137 -4.92 -11.95 -13.56
CA SER A 137 -3.56 -11.82 -14.06
C SER A 137 -2.58 -12.27 -12.99
N HIS A 138 -1.38 -12.60 -13.42
CA HIS A 138 -0.35 -13.02 -12.52
C HIS A 138 0.84 -12.07 -12.61
N TYR A 139 1.76 -12.20 -11.68
CA TYR A 139 3.03 -11.49 -11.72
C TYR A 139 3.66 -11.67 -13.10
N PRO A 140 4.21 -10.60 -13.70
CA PRO A 140 4.35 -9.26 -13.13
C PRO A 140 3.45 -8.23 -13.80
N THR A 141 2.29 -8.65 -14.27
CA THR A 141 1.38 -7.72 -14.96
C THR A 141 1.08 -6.47 -14.11
N ALA A 142 0.68 -6.66 -12.86
CA ALA A 142 0.24 -5.52 -12.06
C ALA A 142 1.37 -4.52 -11.87
N ILE A 143 2.56 -4.99 -11.50
CA ILE A 143 3.65 -4.06 -11.27
C ILE A 143 4.11 -3.37 -12.56
N ASN A 144 3.95 -4.01 -13.71
CA ASN A 144 4.29 -3.36 -14.98
C ASN A 144 3.31 -2.23 -15.29
N GLN A 145 2.03 -2.49 -15.03
CA GLN A 145 1.02 -1.46 -15.08
C GLN A 145 1.39 -0.31 -14.13
N ALA A 146 1.76 -0.66 -12.90
CA ALA A 146 1.99 0.34 -11.87
C ALA A 146 3.16 1.22 -12.24
N TYR A 147 4.24 0.59 -12.70
CA TYR A 147 5.38 1.34 -13.19
C TYR A 147 5.01 2.22 -14.41
N ALA A 148 4.30 1.64 -15.37
CA ALA A 148 3.91 2.37 -16.57
C ALA A 148 3.13 3.65 -16.22
N ALA A 149 2.17 3.52 -15.30
CA ALA A 149 1.33 4.66 -14.90
C ALA A 149 2.15 5.73 -14.18
N THR A 150 3.14 5.29 -13.41
CA THR A 150 4.05 6.21 -12.73
C THR A 150 4.87 7.01 -13.75
N GLN A 151 5.39 6.32 -14.76
CA GLN A 151 6.10 6.98 -15.86
C GLN A 151 5.20 7.96 -16.58
N TRP A 152 3.96 7.55 -16.83
CA TRP A 152 3.00 8.40 -17.51
C TRP A 152 2.72 9.70 -16.76
N VAL A 153 2.53 9.59 -15.45
CA VAL A 153 2.26 10.78 -14.64
C VAL A 153 3.47 11.74 -14.65
N ALA A 154 4.68 11.18 -14.58
CA ALA A 154 5.88 12.01 -14.60
C ALA A 154 5.96 12.82 -15.89
N GLU A 155 5.59 12.19 -16.99
CA GLU A 155 5.73 12.78 -18.31
C GLU A 155 4.54 13.59 -18.79
N HIS A 156 3.38 13.36 -18.19
CA HIS A 156 2.16 13.96 -18.72
C HIS A 156 1.27 14.51 -17.62
N GLY A 157 1.86 14.73 -16.46
CA GLY A 157 1.10 15.12 -15.28
C GLY A 157 0.27 16.37 -15.44
N LYS A 158 0.76 17.30 -16.24
CA LYS A 158 0.02 18.52 -16.53
C LYS A 158 -1.39 18.22 -17.07
N GLU A 159 -1.53 17.09 -17.77
CA GLU A 159 -2.83 16.71 -18.31
C GLU A 159 -3.86 16.38 -17.22
N ILE A 160 -3.39 16.23 -15.99
CA ILE A 160 -4.30 15.97 -14.88
C ILE A 160 -4.04 16.95 -13.75
N GLY A 161 -3.36 18.06 -14.07
CA GLY A 161 -3.17 19.14 -13.13
C GLY A 161 -2.17 18.87 -12.02
N VAL A 162 -1.16 18.04 -12.30
CA VAL A 162 -0.09 17.84 -11.32
C VAL A 162 1.27 18.17 -11.92
N ASP A 163 2.24 18.39 -11.04
CA ASP A 163 3.65 18.53 -11.42
C ASP A 163 4.32 17.15 -11.29
N GLY A 164 4.47 16.48 -12.43
CA GLY A 164 5.05 15.14 -12.50
C GLY A 164 6.50 15.07 -12.03
N LYS A 165 7.13 16.21 -11.87
CA LYS A 165 8.53 16.26 -11.43
C LYS A 165 8.60 16.17 -9.89
N ARG A 166 7.46 16.34 -9.22
CA ARG A 166 7.41 16.18 -7.78
C ARG A 166 6.49 15.02 -7.48
N LEU A 167 7.08 13.83 -7.44
CA LEU A 167 6.35 12.59 -7.60
C LEU A 167 6.79 11.54 -6.58
N ALA A 168 5.82 11.01 -5.83
CA ALA A 168 6.12 9.96 -4.87
C ALA A 168 5.31 8.72 -5.19
N VAL A 169 5.67 7.60 -4.56
CA VAL A 169 4.85 6.41 -4.62
C VAL A 169 4.39 6.04 -3.21
N ALA A 170 3.18 5.53 -3.10
CA ALA A 170 2.65 5.12 -1.80
C ALA A 170 1.74 3.90 -1.92
N GLY A 171 1.60 3.16 -0.83
CA GLY A 171 0.62 2.08 -0.76
C GLY A 171 0.66 1.28 0.52
N ASN A 172 -0.43 0.52 0.75
CA ASN A 172 -0.56 -0.38 1.91
C ASN A 172 -0.52 -1.85 1.51
N ALA A 173 0.17 -2.65 2.31
N ALA A 173 0.06 -2.69 2.36
CA ALA A 173 0.21 -4.13 2.17
CA ALA A 173 0.10 -4.14 2.15
C ALA A 173 0.87 -4.54 0.86
C ALA A 173 0.83 -4.51 0.86
N VAL A 174 0.13 -5.18 -0.06
CA VAL A 174 0.75 -5.52 -1.36
C VAL A 174 0.94 -4.23 -2.15
N GLY A 175 0.15 -3.21 -1.84
CA GLY A 175 0.31 -1.90 -2.44
C GLY A 175 1.64 -1.30 -2.01
N GLY A 176 2.06 -1.63 -0.78
CA GLY A 176 3.35 -1.19 -0.28
C GLY A 176 4.48 -1.96 -0.96
N ASN A 177 4.21 -3.23 -1.26
CA ASN A 177 5.08 -4.05 -2.09
C ASN A 177 5.25 -3.39 -3.45
N MET A 178 4.12 -2.94 -4.00
CA MET A 178 4.08 -2.37 -5.33
C MET A 178 4.87 -1.07 -5.37
N ALA A 179 4.68 -0.23 -4.36
CA ALA A 179 5.40 1.03 -4.29
C ALA A 179 6.91 0.79 -4.18
N ALA A 180 7.32 -0.15 -3.33
CA ALA A 180 8.73 -0.48 -3.21
C ALA A 180 9.28 -0.94 -4.56
N VAL A 181 8.49 -1.72 -5.28
CA VAL A 181 8.96 -2.30 -6.53
C VAL A 181 8.98 -1.28 -7.69
N VAL A 182 7.98 -0.42 -7.74
CA VAL A 182 7.99 0.66 -8.72
C VAL A 182 9.23 1.56 -8.51
N ALA A 183 9.62 1.79 -7.26
CA ALA A 183 10.82 2.58 -7.02
C ALA A 183 12.04 1.79 -7.47
N LEU A 184 12.03 0.47 -7.33
CA LEU A 184 13.14 -0.32 -7.87
C LEU A 184 13.16 -0.29 -9.41
N LYS A 185 12.00 -0.47 -10.04
CA LYS A 185 11.89 -0.35 -11.49
C LYS A 185 12.27 1.06 -11.98
N ALA A 186 11.92 2.10 -11.24
CA ALA A 186 12.35 3.43 -11.63
C ALA A 186 13.87 3.60 -11.51
N LYS A 187 14.48 3.08 -10.44
CA LYS A 187 15.94 3.11 -10.33
C LYS A 187 16.59 2.41 -11.51
N GLU A 188 16.25 1.14 -11.66
CA GLU A 188 16.66 0.30 -12.76
C GLU A 188 16.54 0.97 -14.13
N ALA A 189 15.40 1.62 -14.40
CA ALA A 189 15.15 2.22 -15.71
C ALA A 189 15.77 3.61 -15.90
N GLY A 190 16.21 4.20 -14.79
CA GLY A 190 16.79 5.52 -14.80
C GLY A 190 15.73 6.62 -14.89
N THR A 191 14.48 6.26 -14.64
CA THR A 191 13.36 7.19 -14.79
C THR A 191 12.08 6.53 -14.28
N PRO A 192 11.14 7.32 -13.74
CA PRO A 192 11.27 8.75 -13.49
C PRO A 192 11.89 9.02 -12.12
N ALA A 193 12.14 10.29 -11.86
CA ALA A 193 12.66 10.72 -10.57
C ALA A 193 11.55 10.69 -9.55
N LEU A 194 11.80 10.02 -8.43
CA LEU A 194 10.84 9.91 -7.34
C LEU A 194 11.37 10.63 -6.11
N ARG A 195 10.52 11.44 -5.49
CA ARG A 195 10.91 12.19 -4.30
C ARG A 195 10.91 11.36 -3.02
N PHE A 196 10.13 10.28 -3.01
CA PHE A 196 9.70 9.67 -1.76
C PHE A 196 8.99 8.34 -1.99
N GLN A 197 9.10 7.41 -1.04
CA GLN A 197 8.30 6.21 -1.11
C GLN A 197 7.68 5.95 0.26
N LEU A 198 6.35 5.87 0.26
CA LEU A 198 5.57 5.66 1.47
C LEU A 198 5.13 4.21 1.51
N LEU A 199 5.67 3.44 2.45
CA LEU A 199 5.39 2.02 2.52
C LEU A 199 4.55 1.69 3.76
N LEU A 200 3.25 1.57 3.57
CA LEU A 200 2.34 1.30 4.68
C LEU A 200 2.17 -0.21 4.93
N TRP A 201 2.69 -0.69 6.06
CA TRP A 201 2.70 -2.11 6.44
C TRP A 201 2.87 -3.03 5.20
N PRO A 202 4.03 -2.92 4.54
CA PRO A 202 4.27 -3.56 3.24
C PRO A 202 4.54 -5.06 3.29
N VAL A 203 4.16 -5.73 2.20
CA VAL A 203 4.62 -7.08 1.91
C VAL A 203 6.01 -6.95 1.26
N THR A 204 7.04 -7.60 1.78
CA THR A 204 8.37 -7.50 1.15
C THR A 204 9.06 -8.82 0.79
N ASP A 205 8.48 -9.95 1.13
CA ASP A 205 9.16 -11.23 0.90
C ASP A 205 8.19 -12.38 0.80
N ALA A 206 8.37 -13.23 -0.20
CA ALA A 206 7.53 -14.42 -0.33
C ALA A 206 8.05 -15.55 0.52
N SER A 207 8.37 -15.27 1.78
CA SER A 207 8.66 -16.34 2.71
C SER A 207 7.81 -16.09 3.96
N PHE A 208 7.66 -17.12 4.77
CA PHE A 208 6.65 -17.12 5.78
C PHE A 208 7.17 -17.65 7.11
N GLU A 209 8.43 -17.33 7.40
CA GLU A 209 9.09 -17.85 8.60
C GLU A 209 9.64 -16.81 9.57
N THR A 210 9.31 -15.52 9.38
CA THR A 210 9.73 -14.53 10.36
C THR A 210 9.04 -14.74 11.70
N ALA A 211 9.62 -14.22 12.77
CA ALA A 211 9.04 -14.31 14.10
C ALA A 211 7.59 -13.80 14.12
N SER A 212 7.33 -12.70 13.40
CA SER A 212 5.99 -12.13 13.40
C SER A 212 5.01 -13.03 12.67
N TYR A 213 5.45 -13.68 11.58
CA TYR A 213 4.62 -14.67 10.89
C TYR A 213 4.22 -15.82 11.82
N LYS A 214 5.16 -16.25 12.65
CA LYS A 214 4.89 -17.32 13.61
C LYS A 214 3.98 -16.83 14.72
N GLN A 215 4.32 -15.68 15.30
CA GLN A 215 3.58 -15.14 16.44
C GLN A 215 2.12 -14.84 16.16
N PHE A 216 1.85 -14.25 15.00
CA PHE A 216 0.52 -13.70 14.73
C PHE A 216 -0.21 -14.39 13.57
N ALA A 217 0.08 -15.68 13.39
CA ALA A 217 -0.44 -16.47 12.27
C ALA A 217 -1.95 -16.41 12.17
N ASP A 218 -2.56 -16.08 13.30
CA ASP A 218 -3.96 -16.27 13.52
C ASP A 218 -4.52 -15.13 14.37
N GLY A 219 -5.83 -14.92 14.34
CA GLY A 219 -6.51 -14.08 15.33
C GLY A 219 -6.25 -12.58 15.27
N HIS A 220 -5.67 -12.10 14.17
CA HIS A 220 -5.33 -10.69 14.05
C HIS A 220 -5.66 -10.21 12.66
N PHE A 221 -6.83 -10.64 12.20
CA PHE A 221 -7.40 -10.25 10.92
C PHE A 221 -6.61 -10.81 9.74
N LEU A 222 -5.41 -10.32 9.48
CA LEU A 222 -4.58 -10.89 8.42
C LEU A 222 -3.92 -12.16 8.94
N THR A 223 -4.14 -13.28 8.27
CA THR A 223 -3.57 -14.57 8.71
C THR A 223 -2.50 -15.11 7.76
N THR A 224 -1.70 -16.05 8.27
CA THR A 224 -0.71 -16.72 7.44
C THR A 224 -1.39 -17.40 6.26
N GLY A 225 -2.53 -18.03 6.54
CA GLY A 225 -3.31 -18.72 5.52
C GLY A 225 -3.75 -17.80 4.40
N MET A 226 -4.16 -16.58 4.75
CA MET A 226 -4.48 -15.59 3.75
C MET A 226 -3.26 -15.20 2.91
N MET A 227 -2.14 -14.94 3.58
CA MET A 227 -0.94 -14.47 2.90
C MET A 227 -0.45 -15.47 1.85
N LYS A 228 -0.46 -16.76 2.20
CA LYS A 228 -0.04 -17.80 1.28
C LYS A 228 -1.01 -17.98 0.11
N TRP A 229 -2.30 -17.92 0.40
CA TRP A 229 -3.31 -17.92 -0.66
C TRP A 229 -3.11 -16.69 -1.59
N PHE A 230 -2.86 -15.53 -0.98
CA PHE A 230 -2.59 -14.31 -1.72
C PHE A 230 -1.42 -14.49 -2.70
N TRP A 231 -0.27 -14.94 -2.20
CA TRP A 231 0.89 -15.16 -3.05
C TRP A 231 0.62 -16.20 -4.13
N ASP A 232 -0.10 -17.27 -3.78
CA ASP A 232 -0.41 -18.33 -4.75
C ASP A 232 -1.22 -17.77 -5.92
N ASN A 233 -2.21 -16.93 -5.61
CA ASN A 233 -2.97 -16.29 -6.66
C ASN A 233 -2.11 -15.35 -7.51
N TYR A 234 -1.11 -14.72 -6.88
CA TYR A 234 -0.19 -13.81 -7.56
C TYR A 234 0.73 -14.57 -8.51
N THR A 235 1.39 -15.61 -7.98
CA THR A 235 2.22 -16.49 -8.79
C THR A 235 2.67 -17.71 -7.98
N THR A 236 2.67 -18.87 -8.64
CA THR A 236 3.16 -20.10 -8.01
C THR A 236 4.58 -20.39 -8.50
N ASP A 237 5.01 -19.62 -9.50
CA ASP A 237 6.36 -19.68 -10.03
C ASP A 237 7.38 -19.27 -8.98
N ALA A 238 8.12 -20.24 -8.47
CA ALA A 238 9.11 -20.01 -7.42
C ALA A 238 10.27 -19.12 -7.87
N LYS A 239 10.59 -19.12 -9.16
CA LYS A 239 11.66 -18.27 -9.64
C LYS A 239 11.17 -16.83 -9.76
N ALA A 240 9.89 -16.65 -10.05
CA ALA A 240 9.32 -15.32 -10.00
C ALA A 240 9.42 -14.75 -8.58
N ARG A 241 9.01 -15.55 -7.59
CA ARG A 241 9.01 -15.12 -6.18
C ARG A 241 10.38 -14.72 -5.66
N GLU A 242 11.44 -15.21 -6.30
CA GLU A 242 12.78 -14.91 -5.87
C GLU A 242 13.34 -13.64 -6.51
N GLN A 243 12.62 -13.11 -7.50
CA GLN A 243 13.04 -11.86 -8.13
C GLN A 243 12.79 -10.67 -7.19
N ILE A 244 13.64 -9.64 -7.26
CA ILE A 244 13.53 -8.53 -6.34
C ILE A 244 12.28 -7.70 -6.64
N TYR A 245 11.69 -7.93 -7.80
CA TYR A 245 10.47 -7.22 -8.17
C TYR A 245 9.24 -7.93 -7.61
N ALA A 246 9.48 -9.09 -6.99
CA ALA A 246 8.44 -9.82 -6.27
C ALA A 246 8.73 -9.74 -4.78
N SER A 247 9.89 -10.21 -4.38
CA SER A 247 10.37 -10.12 -3.00
C SER A 247 11.51 -9.12 -2.90
N PRO A 248 11.19 -7.85 -2.64
CA PRO A 248 12.30 -6.87 -2.66
C PRO A 248 13.23 -6.99 -1.45
N LEU A 249 12.85 -7.78 -0.45
CA LEU A 249 13.74 -8.04 0.70
C LEU A 249 15.00 -8.79 0.27
N ARG A 250 14.94 -9.42 -0.89
CA ARG A 250 16.04 -10.24 -1.39
C ARG A 250 17.07 -9.39 -2.10
N ALA A 251 16.74 -8.12 -2.33
CA ALA A 251 17.65 -7.25 -3.05
C ALA A 251 18.93 -7.04 -2.25
N SER A 252 20.01 -6.75 -2.95
CA SER A 252 21.29 -6.46 -2.32
C SER A 252 21.46 -4.96 -2.05
N SER A 253 22.46 -4.62 -1.24
CA SER A 253 22.81 -3.24 -0.96
C SER A 253 22.97 -2.43 -2.23
N GLU A 254 23.69 -3.01 -3.18
CA GLU A 254 23.99 -2.35 -4.44
C GLU A 254 22.73 -2.07 -5.22
N GLN A 255 21.83 -3.04 -5.22
CA GLN A 255 20.55 -2.87 -5.89
C GLN A 255 19.68 -1.83 -5.18
N LEU A 256 19.76 -1.79 -3.84
CA LEU A 256 19.00 -0.82 -3.06
C LEU A 256 19.57 0.59 -3.12
N LYS A 257 20.87 0.72 -3.37
CA LYS A 257 21.56 2.01 -3.38
C LYS A 257 20.89 3.07 -4.28
N GLY A 258 20.65 4.26 -3.72
CA GLY A 258 20.12 5.36 -4.51
C GLY A 258 18.60 5.44 -4.56
N LEU A 259 17.91 4.54 -3.84
CA LEU A 259 16.45 4.57 -3.78
C LEU A 259 16.00 5.83 -3.07
N PRO A 260 14.78 6.29 -3.36
CA PRO A 260 14.28 7.51 -2.73
C PRO A 260 14.01 7.33 -1.25
N PRO A 261 13.99 8.45 -0.48
CA PRO A 261 13.68 8.43 0.94
C PRO A 261 12.37 7.71 1.26
N ALA A 262 12.37 6.92 2.32
CA ALA A 262 11.23 6.08 2.63
C ALA A 262 10.72 6.36 4.02
N LEU A 263 9.40 6.39 4.15
CA LEU A 263 8.75 6.25 5.43
C LEU A 263 8.15 4.86 5.45
N VAL A 264 8.54 4.05 6.42
CA VAL A 264 7.94 2.73 6.57
C VAL A 264 7.20 2.64 7.89
N GLN A 265 5.87 2.43 7.83
CA GLN A 265 5.07 2.15 9.03
C GLN A 265 4.73 0.66 9.12
N THR A 266 4.93 0.08 10.29
CA THR A 266 4.55 -1.31 10.46
C THR A 266 3.60 -1.40 11.64
N ALA A 267 2.92 -2.55 11.75
CA ALA A 267 1.97 -2.80 12.83
C ALA A 267 2.55 -3.86 13.73
N GLU A 268 2.41 -3.67 15.05
CA GLU A 268 2.97 -4.61 16.01
C GLU A 268 2.43 -6.03 15.85
N PHE A 269 1.13 -6.15 15.57
CA PHE A 269 0.49 -7.46 15.52
C PHE A 269 0.17 -7.88 14.11
N ASP A 270 1.16 -7.76 13.25
CA ASP A 270 1.05 -8.04 11.83
C ASP A 270 2.06 -9.12 11.47
N VAL A 271 1.63 -10.12 10.71
CA VAL A 271 2.56 -11.14 10.24
C VAL A 271 3.63 -10.50 9.34
N LEU A 272 3.29 -9.42 8.66
CA LEU A 272 4.26 -8.74 7.79
C LEU A 272 5.24 -7.82 8.52
N ARG A 273 5.07 -7.67 9.83
CA ARG A 273 5.84 -6.68 10.60
C ARG A 273 7.34 -6.81 10.36
N ASP A 274 7.85 -8.00 10.61
CA ASP A 274 9.28 -8.25 10.59
C ASP A 274 9.89 -8.01 9.21
N GLU A 275 9.26 -8.53 8.17
CA GLU A 275 9.82 -8.37 6.84
C GLU A 275 9.75 -6.88 6.40
N GLY A 276 8.85 -6.12 7.03
CA GLY A 276 8.70 -4.72 6.73
C GLY A 276 9.82 -3.92 7.36
N GLU A 277 10.14 -4.29 8.60
CA GLU A 277 11.20 -3.61 9.33
C GLU A 277 12.58 -4.08 8.85
N ALA A 278 12.63 -5.31 8.34
CA ALA A 278 13.87 -5.82 7.76
C ALA A 278 14.24 -5.08 6.46
N TYR A 279 13.23 -4.84 5.63
CA TYR A 279 13.44 -4.09 4.39
C TYR A 279 13.91 -2.67 4.71
N ALA A 280 13.34 -2.08 5.75
CA ALA A 280 13.77 -0.75 6.17
C ALA A 280 15.25 -0.80 6.56
N ARG A 281 15.63 -1.84 7.28
CA ARG A 281 17.02 -2.05 7.67
C ARG A 281 17.93 -2.18 6.44
N LYS A 282 17.53 -3.01 5.50
CA LYS A 282 18.32 -3.17 4.27
C LYS A 282 18.50 -1.84 3.52
N LEU A 283 17.43 -1.07 3.38
CA LEU A 283 17.51 0.25 2.76
C LEU A 283 18.51 1.14 3.46
N ASN A 284 18.44 1.13 4.79
CA ASN A 284 19.38 1.90 5.60
C ASN A 284 20.83 1.50 5.37
N ALA A 285 21.10 0.19 5.32
CA ALA A 285 22.46 -0.31 5.13
C ALA A 285 22.96 0.08 3.75
N ALA A 286 22.05 0.39 2.84
CA ALA A 286 22.42 0.79 1.49
C ALA A 286 22.57 2.30 1.37
N GLY A 287 22.49 3.00 2.50
CA GLY A 287 22.65 4.45 2.48
C GLY A 287 21.41 5.24 2.10
N VAL A 288 20.28 4.54 1.94
CA VAL A 288 18.99 5.17 1.65
C VAL A 288 18.42 5.84 2.91
N THR A 289 17.84 7.03 2.77
CA THR A 289 17.20 7.67 3.91
C THR A 289 15.92 6.96 4.31
N VAL A 290 15.86 6.47 5.54
CA VAL A 290 14.70 5.69 6.01
C VAL A 290 14.22 6.12 7.38
N THR A 291 12.91 6.26 7.51
CA THR A 291 12.27 6.36 8.81
C THR A 291 11.39 5.14 8.98
N SER A 292 11.67 4.35 10.01
CA SER A 292 11.00 3.10 10.24
C SER A 292 10.27 3.19 11.58
N VAL A 293 8.94 3.15 11.56
N VAL A 293 8.94 3.14 11.54
CA VAL A 293 8.15 3.33 12.78
CA VAL A 293 8.13 3.29 12.75
C VAL A 293 7.13 2.21 13.00
C VAL A 293 7.19 2.12 12.95
N ARG A 294 7.22 1.55 14.15
CA ARG A 294 6.28 0.50 14.51
C ARG A 294 5.17 1.08 15.36
N TYR A 295 3.94 0.92 14.87
CA TYR A 295 2.76 1.35 15.59
C TYR A 295 2.23 0.20 16.44
N ASN A 296 2.53 0.30 17.72
CA ASN A 296 2.20 -0.74 18.68
C ASN A 296 0.71 -0.79 18.92
N GLY A 297 0.19 -1.96 19.30
CA GLY A 297 -1.24 -2.11 19.51
C GLY A 297 -2.07 -2.27 18.24
N MET A 298 -1.44 -2.09 17.08
CA MET A 298 -2.14 -2.08 15.79
C MET A 298 -2.06 -3.42 15.06
N ILE A 299 -3.13 -3.76 14.35
CA ILE A 299 -3.11 -4.91 13.43
C ILE A 299 -2.76 -4.48 12.01
N HIS A 300 -2.61 -5.45 11.13
CA HIS A 300 -2.44 -5.18 9.70
C HIS A 300 -3.59 -4.31 9.18
N ASP A 301 -3.26 -3.34 8.33
CA ASP A 301 -4.27 -2.47 7.70
C ASP A 301 -5.06 -1.59 8.66
N TYR A 302 -4.47 -1.24 9.80
CA TYR A 302 -5.13 -0.30 10.72
C TYR A 302 -5.54 0.99 10.01
N GLY A 303 -4.70 1.43 9.08
CA GLY A 303 -4.96 2.66 8.35
C GLY A 303 -5.96 2.50 7.24
N LEU A 304 -6.24 1.25 6.85
CA LEU A 304 -7.21 0.95 5.78
C LEU A 304 -8.64 0.72 6.29
N LEU A 305 -8.77 -0.14 7.29
CA LEU A 305 -10.07 -0.63 7.73
C LEU A 305 -10.92 0.50 8.29
N ASN A 306 -12.04 0.74 7.62
CA ASN A 306 -12.89 1.85 8.00
C ASN A 306 -13.47 1.76 9.41
N PRO A 307 -13.75 0.54 9.93
CA PRO A 307 -14.18 0.52 11.35
C PRO A 307 -13.12 1.03 12.34
N LEU A 308 -11.85 1.05 11.93
CA LEU A 308 -10.76 1.48 12.80
C LEU A 308 -10.32 2.90 12.51
N SER A 309 -11.05 3.58 11.63
CA SER A 309 -10.57 4.85 11.08
C SER A 309 -10.59 6.02 12.07
N GLN A 310 -11.31 5.88 13.18
CA GLN A 310 -11.37 6.94 14.17
C GLN A 310 -10.62 6.58 15.46
N VAL A 311 -9.96 5.42 15.46
CA VAL A 311 -9.06 5.04 16.54
C VAL A 311 -7.91 6.06 16.62
N PRO A 312 -7.69 6.66 17.80
CA PRO A 312 -6.71 7.76 17.93
C PRO A 312 -5.33 7.41 17.40
N ALA A 313 -4.81 6.22 17.68
CA ALA A 313 -3.50 5.81 17.15
C ALA A 313 -3.47 5.82 15.63
N VAL A 314 -4.56 5.35 15.03
CA VAL A 314 -4.72 5.33 13.58
C VAL A 314 -4.73 6.75 13.00
N LYS A 315 -5.38 7.68 13.69
CA LYS A 315 -5.42 9.06 13.22
C LYS A 315 -4.02 9.65 13.27
N ALA A 316 -3.25 9.28 14.29
CA ALA A 316 -1.90 9.81 14.46
C ALA A 316 -0.95 9.29 13.37
N ALA A 317 -1.06 7.99 13.08
CA ALA A 317 -0.36 7.37 11.95
C ALA A 317 -0.69 8.04 10.63
N MET A 318 -1.96 8.38 10.43
CA MET A 318 -2.40 8.96 9.17
C MET A 318 -1.95 10.42 9.05
N ARG A 319 -2.02 11.18 10.15
CA ARG A 319 -1.43 12.52 10.17
C ARG A 319 0.07 12.47 9.84
N GLN A 320 0.77 11.47 10.38
CA GLN A 320 2.17 11.32 10.05
C GLN A 320 2.39 11.04 8.58
N ALA A 321 1.65 10.08 8.03
CA ALA A 321 1.83 9.68 6.65
C ALA A 321 1.56 10.84 5.69
N GLY A 322 0.54 11.64 5.98
CA GLY A 322 0.25 12.81 5.17
C GLY A 322 1.32 13.88 5.29
N THR A 323 1.76 14.15 6.51
CA THR A 323 2.79 15.15 6.75
C THR A 323 4.09 14.80 6.05
N GLU A 324 4.48 13.53 6.12
CA GLU A 324 5.76 13.14 5.58
C GLU A 324 5.72 13.17 4.05
N LEU A 325 4.53 12.99 3.48
CA LEU A 325 4.35 13.17 2.04
C LEU A 325 4.57 14.64 1.70
N LYS A 326 3.89 15.52 2.43
CA LYS A 326 4.03 16.98 2.24
C LYS A 326 5.50 17.43 2.28
N VAL A 327 6.21 16.98 3.30
CA VAL A 327 7.61 17.31 3.49
C VAL A 327 8.48 17.03 2.27
N HIS A 328 8.20 15.94 1.58
CA HIS A 328 9.03 15.50 0.46
C HIS A 328 8.52 15.94 -0.90
N LEU A 329 7.42 16.68 -0.92
CA LEU A 329 6.80 17.03 -2.19
C LEU A 329 6.82 18.55 -2.42
N GLN A 330 7.64 19.25 -1.65
CA GLN A 330 7.75 20.71 -1.75
C GLN A 330 8.64 21.17 -2.92
N LEU A 331 8.41 22.40 -3.35
CA LEU A 331 9.22 23.02 -4.39
C LEU A 331 10.70 23.08 -4.03
N GLU A 332 11.56 22.87 -5.02
CA GLU A 332 13.00 22.96 -4.82
C GLU A 332 13.43 24.38 -4.49
C10 S2T B . 13.86 16.96 2.73
C01 S2T B . 17.18 14.75 4.90
C02 S2T B . 17.16 13.75 3.94
C03 S2T B . 15.98 13.44 3.30
C04 S2T B . 14.84 14.16 3.60
C05 S2T B . 14.84 15.16 4.55
C06 S2T B . 16.03 15.46 5.22
C07 S2T B . 13.52 15.88 4.82
O08 S2T B . 13.52 17.10 4.11
C09 S2T B . 13.19 16.04 6.32
O11 S2T B . 13.31 16.13 2.02
C12 S2T B . 15.11 17.65 2.22
CL S2T B . 16.16 16.71 6.44
O14 S2T B . 13.00 15.01 7.01
O15 S2T B . 13.08 17.17 6.88
#